data_3VZX
#
_entry.id   3VZX
#
_cell.length_a   54.116
_cell.length_b   55.953
_cell.length_c   77.271
_cell.angle_alpha   90.00
_cell.angle_beta   108.46
_cell.angle_gamma   90.00
#
_symmetry.space_group_name_H-M   'P 1 21 1'
#
loop_
_entity.id
_entity.type
_entity.pdbx_description
1 polymer 'Heptaprenylglyceryl phosphate synthase'
2 non-polymer 'MAGNESIUM ION'
3 non-polymer 'CHLORIDE ION'
4 water water
#
_entity_poly.entity_id   1
_entity_poly.type   'polypeptide(L)'
_entity_poly.pdbx_seq_one_letter_code
;MYDVTEWKHVFKLDPNKDLPDEQLEILCESGTDAVIIGGSDGVTEDNVLRMMSKVRRFLVPCVLEVSAIEAIVPGFDLYF
IPSVLNSKNADWIVGMHQKAMKEYGELMSMEEIVAEGYCIANPDCKAAALTEADADLNMDDIVAYARVSELLQLPIFYLE
YSGVLGDIEAVKKTKAVLETSTLFYGGGIKDAETAKQYAEHADVIVVGNAVYEDFDRALKTVAAVKGE
;
_entity_poly.pdbx_strand_id   A,B
#
loop_
_chem_comp.id
_chem_comp.type
_chem_comp.name
_chem_comp.formula
CL non-polymer 'CHLORIDE ION' 'Cl -1'
MG non-polymer 'MAGNESIUM ION' 'Mg 2'
#
# COMPACT_ATOMS: atom_id res chain seq x y z
N MET A 1 -10.53 -3.86 16.85
CA MET A 1 -11.26 -2.72 16.19
C MET A 1 -12.53 -3.21 15.56
N TYR A 2 -13.47 -2.28 15.38
CA TYR A 2 -14.73 -2.62 14.77
C TYR A 2 -14.42 -3.23 13.40
N ASP A 3 -15.27 -4.18 13.02
CA ASP A 3 -15.08 -4.96 11.81
C ASP A 3 -15.82 -4.42 10.62
N VAL A 4 -15.09 -3.77 9.73
CA VAL A 4 -15.76 -3.19 8.58
C VAL A 4 -16.30 -4.22 7.62
N THR A 5 -15.85 -5.47 7.73
CA THR A 5 -16.41 -6.49 6.81
C THR A 5 -17.85 -6.88 7.15
N GLU A 6 -18.36 -6.40 8.28
CA GLU A 6 -19.74 -6.67 8.65
C GLU A 6 -20.63 -5.45 8.36
N TRP A 7 -20.03 -4.33 7.95
CA TRP A 7 -20.89 -3.16 7.68
C TRP A 7 -21.63 -3.23 6.34
N LYS A 8 -22.71 -2.45 6.24
CA LYS A 8 -23.50 -2.36 5.00
C LYS A 8 -23.83 -0.90 4.63
N HIS A 9 -23.97 -0.04 5.65
CA HIS A 9 -24.38 1.33 5.42
C HIS A 9 -23.59 2.26 6.35
N VAL A 10 -23.08 3.34 5.81
CA VAL A 10 -22.43 4.34 6.65
C VAL A 10 -22.91 5.75 6.21
N PHE A 11 -23.00 6.67 7.15
CA PHE A 11 -23.28 8.09 6.81
C PHE A 11 -21.95 8.82 6.90
N LYS A 12 -21.70 9.69 5.92
CA LYS A 12 -20.45 10.46 5.96
C LYS A 12 -20.87 11.94 6.07
N LEU A 13 -20.39 12.61 7.12
CA LEU A 13 -20.75 13.98 7.42
C LEU A 13 -19.60 14.94 7.11
N ASP A 14 -19.99 16.15 6.73
CA ASP A 14 -19.06 17.25 6.43
C ASP A 14 -19.04 18.12 7.71
N PRO A 15 -17.90 18.09 8.46
CA PRO A 15 -17.80 18.86 9.69
C PRO A 15 -17.93 20.36 9.53
N ASN A 16 -17.87 20.84 8.28
CA ASN A 16 -18.04 22.26 8.03
C ASN A 16 -19.52 22.62 7.95
N LYS A 17 -20.41 21.62 7.91
CA LYS A 17 -21.84 21.87 7.90
C LYS A 17 -22.42 21.41 9.25
N ASP A 18 -23.65 21.82 9.59
CA ASP A 18 -24.27 21.37 10.85
C ASP A 18 -25.69 20.95 10.62
N LEU A 19 -26.05 19.83 11.19
CA LEU A 19 -27.41 19.32 11.10
C LEU A 19 -28.25 20.05 12.14
N PRO A 20 -29.50 20.43 11.79
CA PRO A 20 -30.42 21.15 12.70
C PRO A 20 -31.04 20.28 13.71
N ASP A 21 -31.62 20.94 14.71
CA ASP A 21 -32.36 20.29 15.80
C ASP A 21 -31.69 18.99 16.32
N GLU A 22 -32.40 17.86 16.39
CA GLU A 22 -31.75 16.64 16.90
C GLU A 22 -31.46 15.65 15.77
N GLN A 23 -31.22 16.18 14.57
CA GLN A 23 -30.98 15.30 13.47
C GLN A 23 -29.67 14.51 13.59
N LEU A 24 -28.63 15.10 14.18
CA LEU A 24 -27.39 14.37 14.33
C LEU A 24 -27.60 13.15 15.27
N GLU A 25 -28.31 13.37 16.35
CA GLU A 25 -28.60 12.27 17.29
C GLU A 25 -29.45 11.20 16.58
N ILE A 26 -30.47 11.62 15.84
CA ILE A 26 -31.28 10.64 15.09
C ILE A 26 -30.42 9.82 14.12
N LEU A 27 -29.51 10.51 13.43
CA LEU A 27 -28.66 9.79 12.51
C LEU A 27 -27.75 8.79 13.26
N CYS A 28 -27.22 9.20 14.38
CA CYS A 28 -26.32 8.31 15.09
C CYS A 28 -27.02 7.15 15.75
N GLU A 29 -28.31 7.29 15.96
CA GLU A 29 -29.11 6.22 16.59
C GLU A 29 -29.92 5.46 15.53
N SER A 30 -29.68 5.76 14.25
CA SER A 30 -30.45 5.17 13.17
C SER A 30 -30.29 3.73 12.78
N GLY A 31 -29.22 3.09 13.19
CA GLY A 31 -29.04 1.75 12.62
C GLY A 31 -27.91 1.73 11.58
N THR A 32 -27.46 2.90 11.17
CA THR A 32 -26.29 2.91 10.28
C THR A 32 -25.09 2.23 10.99
N ASP A 33 -24.16 1.71 10.22
CA ASP A 33 -23.09 0.94 10.82
C ASP A 33 -21.89 1.79 11.28
N ALA A 34 -21.81 3.03 10.79
CA ALA A 34 -20.72 3.92 11.22
C ALA A 34 -21.05 5.32 10.79
N VAL A 35 -20.52 6.30 11.52
CA VAL A 35 -20.64 7.70 11.15
C VAL A 35 -19.22 8.14 10.84
N ILE A 36 -18.96 8.53 9.59
CA ILE A 36 -17.61 8.92 9.18
C ILE A 36 -17.58 10.43 9.04
N ILE A 37 -16.60 11.07 9.64
CA ILE A 37 -16.44 12.52 9.54
C ILE A 37 -15.40 12.75 8.40
N GLY A 38 -15.87 13.41 7.34
CA GLY A 38 -15.03 13.56 6.17
C GLY A 38 -14.80 15.03 6.01
N GLY A 39 -15.42 15.56 4.98
CA GLY A 39 -15.30 16.99 4.69
C GLY A 39 -14.69 17.18 3.30
N SER A 40 -14.70 18.43 2.84
CA SER A 40 -14.24 18.74 1.50
C SER A 40 -13.18 19.85 1.49
N ASP A 41 -11.93 19.46 1.68
CA ASP A 41 -10.78 20.38 1.67
C ASP A 41 -10.76 21.48 2.72
N GLY A 42 -11.85 22.23 2.83
CA GLY A 42 -11.89 23.31 3.81
C GLY A 42 -11.94 22.82 5.24
N VAL A 43 -11.81 21.52 5.43
CA VAL A 43 -11.83 20.89 6.77
C VAL A 43 -10.85 21.55 7.77
N THR A 44 -11.34 21.84 8.97
CA THR A 44 -10.50 22.46 9.99
C THR A 44 -10.46 21.57 11.21
N GLU A 45 -9.38 21.65 11.98
CA GLU A 45 -9.25 20.90 13.19
C GLU A 45 -10.33 21.30 14.17
N ASP A 46 -10.72 22.57 14.25
CA ASP A 46 -11.74 22.94 15.19
C ASP A 46 -13.11 22.32 14.86
N ASN A 47 -13.44 22.30 13.59
CA ASN A 47 -14.73 21.72 13.24
C ASN A 47 -14.72 20.22 13.46
N VAL A 48 -13.59 19.58 13.20
CA VAL A 48 -13.51 18.13 13.45
C VAL A 48 -13.65 17.87 14.97
N LEU A 49 -12.99 18.71 15.81
CA LEU A 49 -13.10 18.55 17.28
C LEU A 49 -14.53 18.67 17.79
N ARG A 50 -15.26 19.67 17.30
CA ARG A 50 -16.64 19.82 17.71
C ARG A 50 -17.43 18.59 17.28
N MET A 51 -17.21 18.12 16.04
CA MET A 51 -17.96 16.94 15.59
C MET A 51 -17.63 15.72 16.43
N MET A 52 -16.38 15.55 16.74
CA MET A 52 -15.98 14.39 17.57
C MET A 52 -16.71 14.43 18.90
N SER A 53 -16.72 15.58 19.55
CA SER A 53 -17.39 15.70 20.84
C SER A 53 -18.86 15.36 20.83
N LYS A 54 -19.49 15.49 19.65
CA LYS A 54 -20.89 15.16 19.55
C LYS A 54 -21.10 13.67 19.23
N VAL A 55 -20.38 13.15 18.28
CA VAL A 55 -20.62 11.76 17.93
C VAL A 55 -20.05 10.70 18.80
N ARG A 56 -19.03 11.03 19.56
CA ARG A 56 -18.36 10.03 20.40
C ARG A 56 -19.27 9.39 21.47
N ARG A 57 -20.34 10.07 21.85
CA ARG A 57 -21.17 9.59 22.94
C ARG A 57 -22.13 8.48 22.55
N PHE A 58 -22.21 8.17 21.27
CA PHE A 58 -23.15 7.12 20.82
C PHE A 58 -22.42 5.79 20.65
N LEU A 59 -23.18 4.68 20.63
CA LEU A 59 -22.54 3.38 20.45
C LEU A 59 -22.02 3.20 19.04
N VAL A 60 -22.69 3.81 18.06
CA VAL A 60 -22.23 3.62 16.69
C VAL A 60 -20.74 3.98 16.52
N PRO A 61 -19.99 3.20 15.73
CA PRO A 61 -18.58 3.54 15.57
C PRO A 61 -18.43 4.91 14.92
N CYS A 62 -17.56 5.76 15.48
CA CYS A 62 -17.29 7.04 14.84
C CYS A 62 -15.88 6.96 14.20
N VAL A 63 -15.79 7.46 12.98
CA VAL A 63 -14.58 7.33 12.21
C VAL A 63 -14.16 8.70 11.69
N LEU A 64 -12.87 9.00 11.78
CA LEU A 64 -12.35 10.22 11.15
C LEU A 64 -11.64 9.84 9.86
N GLU A 65 -12.13 10.35 8.73
CA GLU A 65 -11.37 10.13 7.49
C GLU A 65 -10.35 11.27 7.44
N VAL A 66 -9.08 10.90 7.56
CA VAL A 66 -7.99 11.86 7.61
C VAL A 66 -7.56 12.35 6.24
N SER A 67 -8.04 13.53 5.86
CA SER A 67 -7.66 14.11 4.55
C SER A 67 -6.66 15.24 4.74
N ALA A 68 -6.30 15.54 5.98
CA ALA A 68 -5.27 16.59 6.23
C ALA A 68 -4.68 16.29 7.59
N ILE A 69 -3.35 16.22 7.74
CA ILE A 69 -2.83 15.85 9.06
C ILE A 69 -3.05 16.96 10.06
N GLU A 70 -3.21 18.19 9.58
CA GLU A 70 -3.47 19.29 10.52
C GLU A 70 -4.81 19.14 11.20
N ALA A 71 -5.68 18.26 10.68
CA ALA A 71 -6.97 18.13 11.28
C ALA A 71 -7.16 16.81 12.02
N ILE A 72 -6.08 16.12 12.33
CA ILE A 72 -6.23 14.90 13.10
C ILE A 72 -6.63 15.32 14.50
N VAL A 73 -7.55 14.60 15.08
CA VAL A 73 -8.06 14.90 16.41
C VAL A 73 -8.24 13.58 17.14
N PRO A 74 -7.79 13.48 18.38
CA PRO A 74 -7.97 12.24 19.16
C PRO A 74 -9.47 12.05 19.51
N GLY A 75 -9.87 10.82 19.82
CA GLY A 75 -11.22 10.65 20.27
C GLY A 75 -12.13 9.81 19.43
N PHE A 76 -11.69 9.48 18.23
CA PHE A 76 -12.53 8.65 17.36
C PHE A 76 -12.27 7.18 17.53
N ASP A 77 -13.26 6.39 17.18
CA ASP A 77 -13.06 4.97 17.31
C ASP A 77 -12.05 4.39 16.29
N LEU A 78 -12.07 4.93 15.07
CA LEU A 78 -11.22 4.43 13.97
C LEU A 78 -10.84 5.65 13.16
N TYR A 79 -9.68 5.53 12.52
CA TYR A 79 -9.20 6.61 11.64
C TYR A 79 -8.94 5.93 10.31
N PHE A 80 -9.52 6.52 9.26
CA PHE A 80 -9.29 5.98 7.91
C PHE A 80 -8.29 6.93 7.24
N ILE A 81 -7.21 6.37 6.69
CA ILE A 81 -6.25 7.25 6.03
C ILE A 81 -6.27 6.86 4.57
N PRO A 82 -6.74 7.78 3.71
CA PRO A 82 -6.80 7.43 2.29
C PRO A 82 -5.53 7.46 1.54
N SER A 83 -5.39 6.51 0.62
CA SER A 83 -4.29 6.55 -0.36
C SER A 83 -5.07 6.70 -1.68
N VAL A 84 -4.91 7.83 -2.38
CA VAL A 84 -5.69 8.06 -3.61
C VAL A 84 -4.88 7.37 -4.74
N LEU A 85 -5.33 6.16 -5.04
CA LEU A 85 -4.52 5.31 -5.90
C LEU A 85 -4.28 5.86 -7.27
N ASN A 86 -5.27 6.63 -7.77
CA ASN A 86 -5.12 7.20 -9.09
C ASN A 86 -4.63 8.65 -9.08
N SER A 87 -4.04 9.07 -7.96
CA SER A 87 -3.49 10.42 -7.91
C SER A 87 -2.17 10.52 -8.71
N LYS A 88 -1.97 11.66 -9.37
CA LYS A 88 -0.72 11.92 -10.08
C LYS A 88 0.31 12.47 -9.09
N ASN A 89 -0.07 12.66 -7.84
CA ASN A 89 0.82 13.27 -6.84
C ASN A 89 1.12 12.26 -5.73
N ALA A 90 2.39 11.88 -5.60
CA ALA A 90 2.75 10.93 -4.54
C ALA A 90 2.32 11.37 -3.16
N ASP A 91 2.17 12.68 -2.91
CA ASP A 91 1.75 13.06 -1.57
C ASP A 91 0.39 12.52 -1.12
N TRP A 92 -0.49 12.29 -2.10
CA TRP A 92 -1.78 11.75 -1.84
C TRP A 92 -1.81 10.22 -1.80
N ILE A 93 -0.67 9.57 -2.10
CA ILE A 93 -0.63 8.12 -2.06
C ILE A 93 0.05 7.64 -0.81
N VAL A 94 1.25 8.15 -0.54
CA VAL A 94 2.02 7.74 0.64
C VAL A 94 2.50 8.96 1.46
N GLY A 95 2.70 10.11 0.79
CA GLY A 95 3.21 11.29 1.49
C GLY A 95 2.59 11.65 2.85
N MET A 96 1.27 11.68 2.91
CA MET A 96 0.56 12.03 4.14
C MET A 96 0.67 10.99 5.22
N HIS A 97 0.67 9.73 4.82
CA HIS A 97 0.80 8.65 5.80
C HIS A 97 2.18 8.87 6.45
N GLN A 98 3.18 9.21 5.62
CA GLN A 98 4.55 9.36 6.11
C GLN A 98 4.63 10.55 7.02
N LYS A 99 3.87 11.61 6.69
CA LYS A 99 3.92 12.84 7.53
C LYS A 99 3.32 12.55 8.88
N ALA A 100 2.18 11.87 8.86
CA ALA A 100 1.48 11.49 10.06
C ALA A 100 2.37 10.64 10.92
N MET A 101 3.14 9.74 10.30
CA MET A 101 3.97 8.89 11.16
C MET A 101 5.18 9.64 11.64
N LYS A 102 5.67 10.57 10.85
CA LYS A 102 6.86 11.31 11.25
C LYS A 102 6.50 12.34 12.30
N GLU A 103 5.40 13.03 12.10
CA GLU A 103 5.02 14.09 13.05
C GLU A 103 4.22 13.64 14.25
N TYR A 104 3.42 12.61 14.06
CA TYR A 104 2.52 12.12 15.13
C TYR A 104 2.61 10.63 15.35
N GLY A 105 3.83 10.11 15.31
CA GLY A 105 4.01 8.67 15.48
C GLY A 105 3.41 8.10 16.75
N GLU A 106 3.51 8.83 17.85
CA GLU A 106 3.02 8.33 19.11
C GLU A 106 1.49 8.29 19.10
N LEU A 107 0.91 9.33 18.54
CA LEU A 107 -0.53 9.36 18.44
C LEU A 107 -1.03 8.23 17.51
N MET A 108 -0.37 8.06 16.38
CA MET A 108 -0.79 6.99 15.45
C MET A 108 -0.82 5.62 16.12
N SER A 109 0.19 5.36 16.93
CA SER A 109 0.29 4.08 17.61
C SER A 109 -0.86 3.88 18.58
N MET A 110 -1.35 4.94 19.23
CA MET A 110 -2.40 4.76 20.20
C MET A 110 -3.79 4.65 19.57
N GLU A 111 -3.89 5.04 18.33
CA GLU A 111 -5.18 4.98 17.64
C GLU A 111 -5.35 3.79 16.74
N GLU A 112 -6.59 3.48 16.40
CA GLU A 112 -6.84 2.34 15.45
C GLU A 112 -6.92 2.95 14.06
N ILE A 113 -5.98 2.57 13.19
CA ILE A 113 -5.85 3.19 11.86
C ILE A 113 -6.11 2.15 10.81
N VAL A 114 -6.85 2.56 9.79
CA VAL A 114 -7.18 1.67 8.68
C VAL A 114 -6.78 2.38 7.37
N ALA A 115 -6.03 1.69 6.51
CA ALA A 115 -5.66 2.30 5.26
C ALA A 115 -6.81 2.04 4.29
N GLU A 116 -7.11 3.05 3.54
CA GLU A 116 -8.21 2.97 2.61
C GLU A 116 -7.70 3.26 1.17
N GLY A 117 -7.85 2.35 0.21
CA GLY A 117 -7.43 2.59 -1.16
C GLY A 117 -8.55 3.28 -1.94
N TYR A 118 -8.37 4.55 -2.27
CA TYR A 118 -9.38 5.30 -2.95
C TYR A 118 -9.17 5.30 -4.39
N CYS A 119 -10.29 5.30 -5.13
CA CYS A 119 -10.24 5.45 -6.59
C CYS A 119 -11.30 6.53 -6.87
N ILE A 120 -10.84 7.74 -7.21
CA ILE A 120 -11.79 8.82 -7.52
C ILE A 120 -12.07 8.70 -9.02
N ALA A 121 -13.30 8.29 -9.33
CA ALA A 121 -13.67 8.01 -10.71
C ALA A 121 -14.53 9.07 -11.37
N ASN A 122 -14.65 10.19 -10.70
CA ASN A 122 -15.43 11.37 -11.23
C ASN A 122 -14.38 12.45 -11.45
N PRO A 123 -14.08 12.78 -12.70
CA PRO A 123 -13.07 13.80 -12.95
C PRO A 123 -13.55 15.20 -12.72
N ASP A 124 -14.85 15.37 -12.57
CA ASP A 124 -15.39 16.70 -12.39
C ASP A 124 -15.89 16.98 -10.97
N CYS A 125 -14.93 16.99 -10.02
CA CYS A 125 -15.29 17.24 -8.65
C CYS A 125 -14.12 17.80 -7.89
N LYS A 126 -14.45 18.45 -6.78
CA LYS A 126 -13.41 19.06 -5.90
C LYS A 126 -12.37 18.03 -5.50
N ALA A 127 -12.77 16.80 -5.19
CA ALA A 127 -11.82 15.81 -4.71
C ALA A 127 -10.81 15.47 -5.78
N ALA A 128 -11.24 15.34 -7.03
CA ALA A 128 -10.31 15.02 -8.08
C ALA A 128 -9.36 16.15 -8.30
N ALA A 129 -9.85 17.38 -8.20
CA ALA A 129 -8.95 18.50 -8.42
C ALA A 129 -7.90 18.60 -7.29
N LEU A 130 -8.37 18.44 -6.05
CA LEU A 130 -7.50 18.55 -4.87
C LEU A 130 -6.41 17.52 -4.89
N THR A 131 -6.75 16.31 -5.27
CA THR A 131 -5.79 15.20 -5.24
C THR A 131 -5.05 14.92 -6.56
N GLU A 132 -5.20 15.81 -7.54
CA GLU A 132 -4.62 15.65 -8.85
C GLU A 132 -4.94 14.23 -9.37
N ALA A 133 -6.19 13.81 -9.22
CA ALA A 133 -6.52 12.46 -9.65
C ALA A 133 -6.70 12.31 -11.17
N ASP A 134 -6.24 11.17 -11.71
CA ASP A 134 -6.42 10.84 -13.15
C ASP A 134 -7.74 10.09 -13.01
N ALA A 135 -8.82 10.87 -13.13
CA ALA A 135 -10.15 10.37 -12.87
C ALA A 135 -11.07 10.07 -13.99
N ASP A 136 -10.65 10.33 -15.22
CA ASP A 136 -11.46 10.04 -16.39
C ASP A 136 -11.00 8.63 -16.74
N LEU A 137 -11.69 7.66 -16.16
CA LEU A 137 -11.30 6.27 -16.28
C LEU A 137 -12.30 5.37 -16.96
N ASN A 138 -11.76 4.38 -17.67
CA ASN A 138 -12.57 3.36 -18.35
C ASN A 138 -12.77 2.26 -17.30
N MET A 139 -13.76 1.38 -17.48
CA MET A 139 -13.99 0.36 -16.46
C MET A 139 -12.76 -0.52 -16.25
N ASP A 140 -12.01 -0.84 -17.31
CA ASP A 140 -10.84 -1.67 -17.06
C ASP A 140 -9.80 -0.98 -16.19
N ASP A 141 -9.75 0.36 -16.25
CA ASP A 141 -8.81 1.08 -15.38
C ASP A 141 -9.24 0.94 -13.92
N ILE A 142 -10.52 1.09 -13.67
CA ILE A 142 -11.05 1.00 -12.33
C ILE A 142 -10.80 -0.38 -11.73
N VAL A 143 -11.10 -1.39 -12.54
CA VAL A 143 -10.90 -2.78 -12.11
C VAL A 143 -9.41 -3.01 -11.79
N ALA A 144 -8.52 -2.46 -12.60
CA ALA A 144 -7.09 -2.62 -12.35
C ALA A 144 -6.66 -1.92 -11.07
N TYR A 145 -7.26 -0.74 -10.76
CA TYR A 145 -6.94 -0.08 -9.47
C TYR A 145 -7.43 -0.92 -8.29
N ALA A 146 -8.56 -1.58 -8.43
CA ALA A 146 -9.07 -2.45 -7.40
C ALA A 146 -8.06 -3.62 -7.22
N ARG A 147 -7.55 -4.18 -8.33
CA ARG A 147 -6.57 -5.26 -8.17
C ARG A 147 -5.31 -4.77 -7.44
N VAL A 148 -4.89 -3.53 -7.71
CA VAL A 148 -3.73 -2.98 -7.04
C VAL A 148 -4.02 -2.79 -5.55
N SER A 149 -5.21 -2.26 -5.23
CA SER A 149 -5.57 -1.99 -3.83
C SER A 149 -5.28 -3.25 -3.05
N GLU A 150 -5.72 -4.38 -3.56
CA GLU A 150 -5.40 -5.59 -2.85
C GLU A 150 -3.91 -5.96 -2.86
N LEU A 151 -3.23 -5.71 -3.98
CA LEU A 151 -1.79 -5.99 -4.02
C LEU A 151 -1.15 -5.27 -2.84
N LEU A 152 -1.62 -4.05 -2.57
CA LEU A 152 -1.07 -3.26 -1.49
C LEU A 152 -1.59 -3.59 -0.13
N GLN A 153 -2.34 -4.69 -0.02
CA GLN A 153 -2.89 -5.15 1.24
C GLN A 153 -4.09 -4.35 1.87
N LEU A 154 -4.59 -3.37 1.14
CA LEU A 154 -5.61 -2.49 1.75
C LEU A 154 -6.95 -3.11 2.16
N PRO A 155 -7.39 -2.86 3.41
CA PRO A 155 -8.66 -3.46 3.86
C PRO A 155 -9.91 -2.92 3.18
N ILE A 156 -9.82 -1.69 2.75
CA ILE A 156 -10.93 -1.01 2.08
C ILE A 156 -10.57 -0.48 0.70
N PHE A 157 -11.44 -0.71 -0.28
CA PHE A 157 -11.25 -0.07 -1.61
C PHE A 157 -12.50 0.85 -1.67
N TYR A 158 -12.30 2.14 -1.83
CA TYR A 158 -13.39 3.09 -1.82
C TYR A 158 -13.53 3.69 -3.22
N LEU A 159 -14.65 3.38 -3.89
CA LEU A 159 -14.89 3.89 -5.24
C LEU A 159 -15.75 5.13 -5.05
N GLU A 160 -15.16 6.30 -5.42
CA GLU A 160 -15.74 7.58 -5.15
C GLU A 160 -16.16 8.37 -6.38
N TYR A 161 -17.44 8.74 -6.41
CA TYR A 161 -17.94 9.61 -7.46
C TYR A 161 -18.45 10.94 -6.90
N SER A 162 -18.26 11.19 -5.61
CA SER A 162 -18.63 12.45 -4.96
C SER A 162 -20.10 12.85 -5.14
N GLY A 163 -20.40 13.94 -5.86
CA GLY A 163 -21.77 14.39 -5.97
C GLY A 163 -22.68 13.78 -7.01
N VAL A 164 -22.21 12.77 -7.73
CA VAL A 164 -23.09 12.11 -8.71
C VAL A 164 -23.04 10.61 -8.56
N LEU A 165 -24.03 9.94 -9.10
CA LEU A 165 -24.06 8.51 -9.13
C LEU A 165 -23.09 7.96 -10.14
N GLY A 166 -22.30 6.95 -9.74
CA GLY A 166 -21.34 6.36 -10.68
C GLY A 166 -21.98 5.20 -11.42
N ASP A 167 -21.27 4.76 -12.43
CA ASP A 167 -21.65 3.62 -13.28
C ASP A 167 -21.85 2.37 -12.42
N ILE A 168 -23.08 1.86 -12.38
CA ILE A 168 -23.39 0.69 -11.61
C ILE A 168 -22.57 -0.53 -12.06
N GLU A 169 -22.27 -0.57 -13.35
CA GLU A 169 -21.50 -1.67 -13.89
C GLU A 169 -20.08 -1.62 -13.32
N ALA A 170 -19.59 -0.43 -13.02
CA ALA A 170 -18.23 -0.34 -12.46
C ALA A 170 -18.25 -0.91 -11.05
N VAL A 171 -19.33 -0.68 -10.35
CA VAL A 171 -19.41 -1.21 -8.99
C VAL A 171 -19.44 -2.74 -9.00
N LYS A 172 -20.23 -3.27 -9.91
CA LYS A 172 -20.32 -4.71 -10.05
C LYS A 172 -18.96 -5.34 -10.44
N LYS A 173 -18.31 -4.79 -11.46
CA LYS A 173 -17.04 -5.37 -11.92
C LYS A 173 -15.93 -5.24 -10.87
N THR A 174 -16.02 -4.20 -10.03
CA THR A 174 -15.03 -4.02 -9.00
C THR A 174 -15.25 -5.06 -7.88
N LYS A 175 -16.49 -5.19 -7.45
CA LYS A 175 -16.80 -6.19 -6.45
C LYS A 175 -16.28 -7.61 -6.90
N ALA A 176 -16.42 -7.90 -8.20
CA ALA A 176 -16.00 -9.19 -8.75
C ALA A 176 -14.55 -9.49 -8.56
N VAL A 177 -13.69 -8.46 -8.60
CA VAL A 177 -12.28 -8.75 -8.44
C VAL A 177 -11.76 -8.62 -7.04
N LEU A 178 -12.54 -8.04 -6.14
CA LEU A 178 -12.09 -7.88 -4.78
C LEU A 178 -12.29 -9.20 -4.05
N GLU A 179 -11.19 -9.87 -3.83
CA GLU A 179 -11.23 -11.19 -3.20
C GLU A 179 -10.99 -11.12 -1.71
N THR A 180 -10.39 -10.03 -1.23
CA THR A 180 -10.04 -9.94 0.16
C THR A 180 -10.29 -8.61 0.89
N SER A 181 -10.76 -7.59 0.20
CA SER A 181 -11.01 -6.33 0.86
C SER A 181 -12.46 -5.94 0.72
N THR A 182 -12.82 -4.87 1.42
CA THR A 182 -14.23 -4.44 1.48
C THR A 182 -14.45 -3.25 0.56
N LEU A 183 -15.47 -3.35 -0.29
CA LEU A 183 -15.79 -2.33 -1.29
C LEU A 183 -16.78 -1.31 -0.75
N PHE A 184 -16.29 -0.09 -0.58
CA PHE A 184 -17.15 1.03 -0.19
C PHE A 184 -17.50 1.79 -1.45
N TYR A 185 -18.77 2.14 -1.62
CA TYR A 185 -19.13 2.97 -2.78
C TYR A 185 -19.74 4.27 -2.23
N GLY A 186 -19.28 5.41 -2.78
CA GLY A 186 -19.91 6.67 -2.38
C GLY A 186 -20.09 7.46 -3.71
N GLY A 187 -21.20 8.17 -3.74
CA GLY A 187 -21.49 8.99 -4.90
C GLY A 187 -22.96 9.13 -5.23
N GLY A 188 -23.47 10.30 -4.88
CA GLY A 188 -24.85 10.63 -5.24
C GLY A 188 -26.04 9.88 -4.65
N ILE A 189 -25.85 9.05 -3.62
CA ILE A 189 -26.99 8.30 -3.06
C ILE A 189 -27.81 9.20 -2.15
N LYS A 190 -29.08 9.38 -2.48
CA LYS A 190 -29.92 10.26 -1.68
C LYS A 190 -31.25 9.66 -1.27
N ASP A 191 -31.55 8.44 -1.72
CA ASP A 191 -32.87 7.89 -1.33
C ASP A 191 -32.82 6.38 -1.27
N ALA A 192 -33.89 5.78 -0.76
CA ALA A 192 -33.92 4.33 -0.60
C ALA A 192 -33.77 3.49 -1.87
N GLU A 193 -34.44 3.89 -2.92
CA GLU A 193 -34.33 3.10 -4.17
C GLU A 193 -32.89 3.00 -4.69
N THR A 194 -32.19 4.15 -4.76
CA THR A 194 -30.82 4.16 -5.21
C THR A 194 -29.88 3.45 -4.20
N ALA A 195 -30.12 3.64 -2.91
CA ALA A 195 -29.28 2.98 -1.93
C ALA A 195 -29.38 1.46 -2.11
N LYS A 196 -30.60 0.96 -2.33
CA LYS A 196 -30.80 -0.48 -2.51
C LYS A 196 -30.12 -0.95 -3.76
N GLN A 197 -30.25 -0.19 -4.84
CA GLN A 197 -29.61 -0.55 -6.09
C GLN A 197 -28.09 -0.73 -5.99
N TYR A 198 -27.41 0.26 -5.37
CA TYR A 198 -25.99 0.13 -5.28
C TYR A 198 -25.51 -0.90 -4.24
N ALA A 199 -26.34 -1.15 -3.23
CA ALA A 199 -26.00 -2.12 -2.19
C ALA A 199 -26.05 -3.54 -2.76
N GLU A 200 -26.62 -3.71 -3.96
CA GLU A 200 -26.59 -5.09 -4.52
C GLU A 200 -25.17 -5.44 -4.92
N HIS A 201 -24.26 -4.46 -5.04
CA HIS A 201 -22.91 -4.79 -5.50
C HIS A 201 -21.88 -4.31 -4.51
N ALA A 202 -22.11 -3.14 -3.97
CA ALA A 202 -21.11 -2.65 -3.03
C ALA A 202 -21.21 -3.40 -1.70
N ASP A 203 -20.10 -3.58 -0.97
CA ASP A 203 -20.22 -4.15 0.36
C ASP A 203 -20.82 -3.09 1.35
N VAL A 204 -20.36 -1.82 1.21
CA VAL A 204 -20.87 -0.76 2.09
C VAL A 204 -21.25 0.43 1.19
N ILE A 205 -22.45 0.98 1.39
CA ILE A 205 -22.82 2.18 0.68
C ILE A 205 -22.66 3.35 1.66
N VAL A 206 -22.11 4.45 1.11
CA VAL A 206 -21.91 5.68 1.86
C VAL A 206 -22.91 6.73 1.40
N VAL A 207 -23.66 7.22 2.35
CA VAL A 207 -24.62 8.28 2.10
C VAL A 207 -24.03 9.53 2.76
N GLY A 208 -23.89 10.59 1.94
CA GLY A 208 -23.23 11.80 2.41
C GLY A 208 -24.09 13.02 2.44
N ASN A 209 -23.84 13.93 1.48
CA ASN A 209 -24.53 15.20 1.61
C ASN A 209 -26.06 15.26 1.51
N ALA A 210 -26.61 14.16 1.03
CA ALA A 210 -28.05 14.05 1.03
C ALA A 210 -28.60 14.30 2.44
N VAL A 211 -27.84 14.00 3.51
CA VAL A 211 -28.40 14.25 4.82
C VAL A 211 -28.68 15.73 5.09
N TYR A 212 -28.00 16.60 4.36
CA TYR A 212 -28.20 18.04 4.54
C TYR A 212 -29.33 18.54 3.62
N GLU A 213 -29.40 17.94 2.45
CA GLU A 213 -30.41 18.36 1.44
C GLU A 213 -31.80 17.94 1.77
N ASP A 214 -31.95 16.67 2.17
CA ASP A 214 -33.30 16.14 2.51
C ASP A 214 -33.08 14.98 3.48
N PHE A 215 -33.03 15.37 4.75
CA PHE A 215 -32.76 14.44 5.82
C PHE A 215 -33.69 13.25 5.91
N ASP A 216 -34.99 13.50 5.86
CA ASP A 216 -35.94 12.37 6.00
C ASP A 216 -35.76 11.35 4.88
N ARG A 217 -35.52 11.83 3.68
CA ARG A 217 -35.33 10.92 2.56
C ARG A 217 -34.00 10.13 2.72
N ALA A 218 -32.94 10.82 3.15
CA ALA A 218 -31.66 10.16 3.34
C ALA A 218 -31.71 9.13 4.53
N LEU A 219 -32.53 9.40 5.52
CA LEU A 219 -32.58 8.51 6.69
C LEU A 219 -33.15 7.17 6.27
N LYS A 220 -34.01 7.21 5.26
CA LYS A 220 -34.62 5.95 4.83
C LYS A 220 -33.63 5.04 4.14
N THR A 221 -32.45 5.52 3.79
CA THR A 221 -31.48 4.63 3.17
C THR A 221 -30.95 3.51 4.07
N VAL A 222 -31.05 3.67 5.40
CA VAL A 222 -30.52 2.65 6.31
C VAL A 222 -31.40 1.40 6.18
N ALA A 223 -32.69 1.58 6.41
CA ALA A 223 -33.58 0.42 6.27
C ALA A 223 -33.58 -0.16 4.84
N ALA A 224 -33.36 0.67 3.84
CA ALA A 224 -33.34 0.22 2.46
C ALA A 224 -32.26 -0.81 2.24
N VAL A 225 -31.11 -0.57 2.87
CA VAL A 225 -29.95 -1.41 2.75
C VAL A 225 -29.92 -2.57 3.72
N LYS A 226 -30.34 -2.33 4.96
CA LYS A 226 -30.29 -3.35 6.00
C LYS A 226 -31.61 -4.03 6.32
N GLY A 227 -32.66 -3.64 5.60
CA GLY A 227 -33.97 -4.19 5.85
C GLY A 227 -34.57 -3.59 7.12
N MET B 1 4.26 -22.24 -1.01
CA MET B 1 4.50 -22.68 0.40
C MET B 1 5.73 -21.96 0.93
N TYR B 2 5.95 -20.72 0.46
CA TYR B 2 7.12 -19.95 0.89
C TYR B 2 6.78 -19.04 2.05
N ASP B 3 7.78 -18.79 2.88
CA ASP B 3 7.61 -17.95 4.06
C ASP B 3 8.87 -17.09 4.27
N VAL B 4 8.81 -15.83 3.84
CA VAL B 4 9.95 -14.95 4.00
C VAL B 4 10.27 -14.61 5.43
N THR B 5 9.38 -14.89 6.38
CA THR B 5 9.69 -14.65 7.81
C THR B 5 10.68 -15.74 8.32
N GLU B 6 11.01 -16.72 7.50
CA GLU B 6 11.98 -17.76 7.88
C GLU B 6 13.37 -17.52 7.27
N TRP B 7 13.43 -16.61 6.31
CA TRP B 7 14.67 -16.30 5.63
C TRP B 7 15.63 -15.43 6.46
N LYS B 8 16.92 -15.57 6.10
CA LYS B 8 17.98 -14.78 6.72
C LYS B 8 18.89 -14.18 5.67
N HIS B 9 19.04 -14.85 4.51
CA HIS B 9 19.97 -14.37 3.47
C HIS B 9 19.42 -14.56 2.08
N VAL B 10 19.58 -13.57 1.21
CA VAL B 10 19.24 -13.78 -0.19
C VAL B 10 20.31 -13.22 -1.09
N PHE B 11 20.55 -13.87 -2.23
CA PHE B 11 21.42 -13.26 -3.25
C PHE B 11 20.50 -12.60 -4.29
N LYS B 12 20.85 -11.37 -4.68
CA LYS B 12 20.09 -10.68 -5.75
C LYS B 12 21.02 -10.55 -6.94
N LEU B 13 20.57 -11.07 -8.06
CA LEU B 13 21.37 -11.12 -9.26
C LEU B 13 20.82 -10.21 -10.31
N ASP B 14 21.71 -9.61 -11.06
CA ASP B 14 21.32 -8.64 -12.09
C ASP B 14 21.36 -9.32 -13.44
N PRO B 15 20.18 -9.50 -14.08
CA PRO B 15 20.17 -10.14 -15.38
C PRO B 15 20.84 -9.29 -16.45
N ASN B 16 21.09 -8.01 -16.15
CA ASN B 16 21.76 -7.12 -17.10
C ASN B 16 23.26 -7.45 -17.15
N LYS B 17 23.77 -8.18 -16.15
CA LYS B 17 25.19 -8.57 -16.15
C LYS B 17 25.32 -10.04 -16.41
N ASP B 18 26.54 -10.52 -16.48
CA ASP B 18 26.74 -11.92 -16.74
C ASP B 18 27.62 -12.62 -15.72
N LEU B 19 27.14 -13.75 -15.27
CA LEU B 19 27.87 -14.50 -14.28
C LEU B 19 28.22 -15.86 -14.88
N PRO B 20 29.43 -16.33 -14.62
CA PRO B 20 29.72 -17.65 -15.19
C PRO B 20 28.72 -18.70 -14.71
N ASP B 21 28.34 -19.64 -15.59
CA ASP B 21 27.39 -20.63 -15.16
C ASP B 21 27.80 -21.43 -13.91
N GLU B 22 29.09 -21.72 -13.73
CA GLU B 22 29.49 -22.46 -12.52
C GLU B 22 29.20 -21.60 -11.28
N GLN B 23 29.47 -20.29 -11.37
CA GLN B 23 29.22 -19.40 -10.21
C GLN B 23 27.73 -19.31 -9.90
N LEU B 24 26.88 -19.24 -10.93
CA LEU B 24 25.47 -19.20 -10.67
C LEU B 24 24.98 -20.48 -9.97
N GLU B 25 25.46 -21.66 -10.40
CA GLU B 25 25.12 -22.95 -9.77
C GLU B 25 25.56 -22.93 -8.29
N ILE B 26 26.79 -22.48 -8.07
CA ILE B 26 27.29 -22.41 -6.72
C ILE B 26 26.42 -21.51 -5.84
N LEU B 27 26.06 -20.30 -6.32
CA LEU B 27 25.17 -19.43 -5.50
C LEU B 27 23.83 -20.14 -5.21
N CYS B 28 23.29 -20.82 -6.22
CA CYS B 28 22.02 -21.51 -5.99
C CYS B 28 22.06 -22.66 -4.98
N GLU B 29 23.23 -23.29 -4.86
CA GLU B 29 23.45 -24.44 -3.96
C GLU B 29 24.17 -23.98 -2.72
N SER B 30 24.25 -22.66 -2.52
CA SER B 30 25.02 -22.14 -1.38
C SER B 30 24.45 -22.22 0.01
N GLY B 31 23.14 -22.35 0.11
CA GLY B 31 22.52 -22.31 1.40
C GLY B 31 21.71 -21.02 1.54
N THR B 32 21.83 -20.12 0.53
CA THR B 32 21.03 -18.88 0.59
C THR B 32 19.56 -19.27 0.67
N ASP B 33 18.73 -18.37 1.21
CA ASP B 33 17.31 -18.67 1.30
C ASP B 33 16.52 -18.42 0.02
N ALA B 34 17.05 -17.63 -0.89
CA ALA B 34 16.40 -17.37 -2.16
C ALA B 34 17.36 -16.71 -3.08
N VAL B 35 17.10 -16.94 -4.35
CA VAL B 35 17.86 -16.22 -5.39
C VAL B 35 16.85 -15.31 -6.06
N ILE B 36 17.13 -14.02 -5.97
CA ILE B 36 16.24 -13.02 -6.53
C ILE B 36 16.83 -12.45 -7.81
N ILE B 37 16.04 -12.52 -8.89
CA ILE B 37 16.46 -11.93 -10.16
C ILE B 37 15.93 -10.51 -10.25
N GLY B 38 16.85 -9.53 -10.32
CA GLY B 38 16.36 -8.16 -10.39
C GLY B 38 15.89 -7.65 -11.76
N GLY B 39 14.60 -7.79 -12.09
CA GLY B 39 14.06 -7.29 -13.37
C GLY B 39 13.91 -5.74 -13.42
N SER B 40 15.03 -5.01 -13.40
CA SER B 40 15.11 -3.51 -13.35
C SER B 40 15.32 -2.55 -14.56
N ASP B 41 16.17 -1.50 -14.40
CA ASP B 41 16.38 -0.48 -15.47
C ASP B 41 17.31 -0.89 -16.56
N GLY B 42 16.71 -1.12 -17.71
CA GLY B 42 17.45 -1.54 -18.87
C GLY B 42 17.35 -3.04 -18.99
N VAL B 43 16.55 -3.67 -18.13
CA VAL B 43 16.46 -5.11 -18.20
C VAL B 43 15.65 -5.60 -19.41
N THR B 44 16.04 -6.74 -19.94
CA THR B 44 15.28 -7.35 -21.06
C THR B 44 14.68 -8.69 -20.65
N GLU B 45 13.51 -8.95 -21.24
CA GLU B 45 12.81 -10.19 -20.96
C GLU B 45 13.67 -11.38 -21.34
N ASP B 46 14.42 -11.32 -22.45
CA ASP B 46 15.24 -12.43 -22.87
C ASP B 46 16.29 -12.82 -21.79
N ASN B 47 16.91 -11.81 -21.18
CA ASN B 47 17.87 -12.14 -20.14
C ASN B 47 17.16 -12.71 -18.90
N VAL B 48 15.97 -12.19 -18.56
CA VAL B 48 15.23 -12.73 -17.40
C VAL B 48 14.84 -14.19 -17.70
N LEU B 49 14.41 -14.44 -18.93
CA LEU B 49 13.99 -15.81 -19.32
C LEU B 49 15.14 -16.79 -19.25
N ARG B 50 16.34 -16.40 -19.73
CA ARG B 50 17.50 -17.29 -19.63
C ARG B 50 17.85 -17.52 -18.19
N MET B 51 17.80 -16.46 -17.38
CA MET B 51 18.11 -16.68 -15.97
C MET B 51 17.15 -17.61 -15.29
N MET B 52 15.85 -17.42 -15.54
CA MET B 52 14.83 -18.28 -14.95
C MET B 52 15.17 -19.76 -15.30
N SER B 53 15.44 -20.00 -16.57
CA SER B 53 15.69 -21.37 -16.99
C SER B 53 16.91 -22.01 -16.33
N LYS B 54 17.88 -21.19 -15.93
CA LYS B 54 19.04 -21.72 -15.29
C LYS B 54 18.86 -21.94 -13.79
N VAL B 55 18.06 -21.13 -13.11
CA VAL B 55 17.93 -21.28 -11.66
C VAL B 55 16.76 -22.13 -11.25
N ARG B 56 15.81 -22.32 -12.15
CA ARG B 56 14.63 -23.05 -11.73
C ARG B 56 14.84 -24.54 -11.38
N ARG B 57 15.93 -25.15 -11.83
CA ARG B 57 16.22 -26.55 -11.53
C ARG B 57 16.63 -26.81 -10.06
N PHE B 58 17.07 -25.77 -9.37
CA PHE B 58 17.52 -25.92 -8.00
C PHE B 58 16.39 -25.92 -6.97
N LEU B 59 16.64 -26.44 -5.77
CA LEU B 59 15.59 -26.46 -4.77
C LEU B 59 15.30 -25.08 -4.20
N VAL B 60 16.33 -24.23 -4.17
CA VAL B 60 16.13 -22.89 -3.60
C VAL B 60 15.02 -22.08 -4.31
N PRO B 61 14.26 -21.33 -3.55
CA PRO B 61 13.23 -20.51 -4.20
C PRO B 61 13.85 -19.50 -5.16
N CYS B 62 13.25 -19.36 -6.35
CA CYS B 62 13.70 -18.36 -7.30
C CYS B 62 12.59 -17.30 -7.34
N VAL B 63 13.01 -16.05 -7.28
CA VAL B 63 12.11 -14.95 -7.19
C VAL B 63 12.40 -13.98 -8.32
N LEU B 64 11.36 -13.40 -8.94
CA LEU B 64 11.63 -12.30 -9.88
C LEU B 64 11.16 -11.00 -9.24
N GLU B 65 12.05 -10.01 -9.14
CA GLU B 65 11.64 -8.70 -8.61
C GLU B 65 11.22 -7.91 -9.85
N VAL B 66 9.93 -7.61 -9.95
CA VAL B 66 9.43 -6.96 -11.14
C VAL B 66 9.54 -5.47 -11.13
N SER B 67 10.53 -4.96 -11.84
CA SER B 67 10.81 -3.51 -11.99
C SER B 67 10.42 -2.99 -13.37
N ALA B 68 9.97 -3.86 -14.27
CA ALA B 68 9.54 -3.41 -15.58
C ALA B 68 8.57 -4.44 -16.08
N ILE B 69 7.38 -4.01 -16.45
CA ILE B 69 6.34 -4.89 -16.91
C ILE B 69 6.79 -5.74 -18.13
N GLU B 70 7.54 -5.11 -19.03
CA GLU B 70 7.98 -5.78 -20.26
C GLU B 70 8.88 -6.96 -19.99
N ALA B 71 9.50 -7.01 -18.81
CA ALA B 71 10.44 -8.08 -18.43
C ALA B 71 9.89 -9.22 -17.58
N ILE B 72 8.58 -9.18 -17.34
CA ILE B 72 7.84 -10.20 -16.58
C ILE B 72 8.01 -11.54 -17.40
N VAL B 73 8.26 -12.64 -16.72
CA VAL B 73 8.45 -13.93 -17.33
C VAL B 73 7.82 -14.95 -16.39
N PRO B 74 7.03 -15.87 -16.93
CA PRO B 74 6.43 -16.89 -16.09
C PRO B 74 7.50 -17.92 -15.67
N GLY B 75 7.18 -18.67 -14.61
CA GLY B 75 8.10 -19.72 -14.22
C GLY B 75 8.82 -19.59 -12.89
N PHE B 76 8.78 -18.41 -12.30
CA PHE B 76 9.47 -18.22 -11.01
C PHE B 76 8.57 -18.68 -9.88
N ASP B 77 9.19 -19.04 -8.76
CA ASP B 77 8.39 -19.45 -7.60
C ASP B 77 7.61 -18.30 -6.99
N LEU B 78 8.24 -17.14 -6.89
CA LEU B 78 7.61 -15.93 -6.28
C LEU B 78 7.91 -14.70 -7.12
N TYR B 79 7.01 -13.72 -7.04
CA TYR B 79 7.19 -12.47 -7.75
C TYR B 79 7.16 -11.38 -6.71
N PHE B 80 8.23 -10.59 -6.60
CA PHE B 80 8.22 -9.48 -5.64
C PHE B 80 7.87 -8.24 -6.44
N ILE B 81 6.92 -7.46 -5.96
CA ILE B 81 6.47 -6.30 -6.69
C ILE B 81 6.76 -5.08 -5.79
N PRO B 82 7.74 -4.26 -6.18
CA PRO B 82 8.10 -3.09 -5.35
C PRO B 82 7.23 -1.90 -5.51
N SER B 83 7.08 -1.21 -4.39
CA SER B 83 6.44 0.11 -4.38
C SER B 83 7.52 0.98 -3.73
N VAL B 84 8.01 2.00 -4.42
CA VAL B 84 9.10 2.85 -3.88
C VAL B 84 8.42 3.92 -3.07
N LEU B 85 8.41 3.72 -1.77
CA LEU B 85 7.61 4.57 -0.91
C LEU B 85 8.03 6.02 -0.88
N ASN B 86 9.32 6.26 -1.11
CA ASN B 86 9.84 7.61 -1.13
C ASN B 86 10.02 8.18 -2.52
N SER B 87 9.36 7.58 -3.52
CA SER B 87 9.44 8.10 -4.87
C SER B 87 8.54 9.32 -5.01
N LYS B 88 9.00 10.30 -5.79
CA LYS B 88 8.21 11.49 -6.10
C LYS B 88 7.33 11.22 -7.31
N ASN B 89 7.48 10.06 -7.93
CA ASN B 89 6.70 9.71 -9.12
C ASN B 89 5.66 8.62 -8.76
N ALA B 90 4.37 8.94 -8.93
CA ALA B 90 3.34 7.98 -8.61
C ALA B 90 3.51 6.70 -9.41
N ASP B 91 4.18 6.77 -10.56
CA ASP B 91 4.36 5.54 -11.34
C ASP B 91 5.11 4.44 -10.59
N TRP B 92 6.01 4.82 -9.71
CA TRP B 92 6.84 3.86 -8.98
C TRP B 92 6.20 3.40 -7.67
N ILE B 93 5.00 3.94 -7.40
CA ILE B 93 4.27 3.58 -6.20
C ILE B 93 3.09 2.70 -6.51
N VAL B 94 2.25 3.19 -7.44
CA VAL B 94 1.03 2.56 -7.94
C VAL B 94 0.92 2.37 -9.46
N GLY B 95 1.29 3.43 -10.18
CA GLY B 95 1.16 3.51 -11.63
C GLY B 95 1.54 2.29 -12.42
N MET B 96 2.78 1.89 -12.26
CA MET B 96 3.24 0.73 -12.98
C MET B 96 2.47 -0.55 -12.61
N HIS B 97 2.04 -0.71 -11.35
CA HIS B 97 1.30 -1.91 -10.97
C HIS B 97 -0.07 -1.90 -11.56
N GLN B 98 -0.66 -0.71 -11.73
CA GLN B 98 -1.99 -0.65 -12.32
C GLN B 98 -1.90 -1.06 -13.79
N LYS B 99 -0.85 -0.60 -14.48
CA LYS B 99 -0.67 -0.95 -15.89
C LYS B 99 -0.49 -2.46 -16.00
N ALA B 100 0.23 -3.07 -15.07
CA ALA B 100 0.43 -4.50 -15.09
C ALA B 100 -0.84 -5.29 -14.86
N MET B 101 -1.69 -4.80 -13.97
CA MET B 101 -2.92 -5.54 -13.70
C MET B 101 -3.87 -5.39 -14.83
N LYS B 102 -3.74 -4.27 -15.52
CA LYS B 102 -4.64 -4.02 -16.62
C LYS B 102 -4.22 -4.85 -17.81
N GLU B 103 -2.93 -5.02 -17.99
CA GLU B 103 -2.46 -5.72 -19.19
C GLU B 103 -2.21 -7.21 -18.99
N TYR B 104 -1.88 -7.62 -17.77
CA TYR B 104 -1.55 -9.04 -17.50
C TYR B 104 -2.30 -9.54 -16.28
N GLY B 105 -3.56 -9.16 -16.18
CA GLY B 105 -4.33 -9.56 -15.03
C GLY B 105 -4.39 -11.04 -14.76
N GLU B 106 -4.54 -11.83 -15.82
CA GLU B 106 -4.66 -13.27 -15.64
C GLU B 106 -3.31 -13.85 -15.15
N LEU B 107 -2.21 -13.37 -15.74
CA LEU B 107 -0.88 -13.85 -15.37
C LEU B 107 -0.65 -13.50 -13.89
N MET B 108 -0.96 -12.26 -13.51
CA MET B 108 -0.76 -11.89 -12.11
C MET B 108 -1.56 -12.78 -11.18
N SER B 109 -2.78 -13.13 -11.56
CA SER B 109 -3.59 -14.02 -10.71
C SER B 109 -3.03 -15.42 -10.53
N MET B 110 -2.27 -15.91 -11.50
CA MET B 110 -1.76 -17.29 -11.39
C MET B 110 -0.46 -17.34 -10.58
N GLU B 111 0.14 -16.18 -10.33
CA GLU B 111 1.42 -16.18 -9.61
C GLU B 111 1.33 -15.87 -8.12
N GLU B 112 2.38 -16.25 -7.41
CA GLU B 112 2.45 -15.96 -5.97
C GLU B 112 3.24 -14.64 -5.86
N ILE B 113 2.53 -13.60 -5.42
CA ILE B 113 3.08 -12.28 -5.40
C ILE B 113 3.28 -11.80 -4.00
N VAL B 114 4.36 -11.07 -3.82
CA VAL B 114 4.67 -10.50 -2.50
C VAL B 114 5.00 -9.05 -2.73
N ALA B 115 4.23 -8.14 -2.12
CA ALA B 115 4.49 -6.71 -2.22
C ALA B 115 5.64 -6.27 -1.30
N GLU B 116 6.50 -5.40 -1.82
CA GLU B 116 7.63 -4.86 -1.10
C GLU B 116 7.52 -3.38 -0.93
N GLY B 117 7.71 -2.86 0.27
CA GLY B 117 7.71 -1.43 0.45
C GLY B 117 9.19 -1.03 0.44
N TYR B 118 9.63 -0.32 -0.58
CA TYR B 118 11.02 0.11 -0.68
C TYR B 118 11.25 1.48 -0.13
N CYS B 119 12.40 1.66 0.50
CA CYS B 119 12.81 2.96 0.95
C CYS B 119 14.24 3.08 0.43
N ILE B 120 14.45 3.84 -0.64
CA ILE B 120 15.80 3.96 -1.23
C ILE B 120 16.49 5.10 -0.50
N ALA B 121 17.52 4.75 0.27
CA ALA B 121 18.19 5.75 1.09
C ALA B 121 19.58 6.14 0.65
N ASN B 122 19.95 5.79 -0.57
CA ASN B 122 21.26 6.23 -1.07
C ASN B 122 20.92 7.15 -2.24
N PRO B 123 21.15 8.46 -2.06
CA PRO B 123 20.83 9.38 -3.16
C PRO B 123 21.68 9.32 -4.44
N ASP B 124 22.82 8.61 -4.40
CA ASP B 124 23.67 8.51 -5.57
C ASP B 124 23.60 7.29 -6.48
N CYS B 125 22.61 6.44 -6.28
CA CYS B 125 22.53 5.26 -7.13
C CYS B 125 21.60 5.35 -8.33
N LYS B 126 21.77 4.42 -9.26
CA LYS B 126 20.97 4.37 -10.47
C LYS B 126 19.50 4.23 -10.05
N ALA B 127 19.20 3.41 -9.04
CA ALA B 127 17.79 3.26 -8.67
C ALA B 127 17.14 4.55 -8.15
N ALA B 128 17.86 5.36 -7.39
CA ALA B 128 17.29 6.60 -6.89
C ALA B 128 17.00 7.55 -8.07
N ALA B 129 17.86 7.50 -9.07
CA ALA B 129 17.71 8.38 -10.24
C ALA B 129 16.51 7.94 -11.05
N LEU B 130 16.45 6.65 -11.33
CA LEU B 130 15.37 6.10 -12.11
C LEU B 130 14.02 6.39 -11.44
N THR B 131 13.93 6.16 -10.14
CA THR B 131 12.62 6.32 -9.46
C THR B 131 12.35 7.70 -8.88
N GLU B 132 13.22 8.68 -9.10
CA GLU B 132 13.08 10.01 -8.53
C GLU B 132 12.82 9.94 -7.02
N ALA B 133 13.62 9.11 -6.36
CA ALA B 133 13.45 8.97 -4.93
C ALA B 133 13.98 10.17 -4.13
N ASP B 134 13.25 10.58 -3.09
CA ASP B 134 13.72 11.63 -2.18
C ASP B 134 14.55 10.74 -1.26
N ALA B 135 15.79 10.51 -1.71
CA ALA B 135 16.72 9.59 -1.07
C ALA B 135 17.69 10.09 0.00
N ASP B 136 17.79 11.40 0.16
CA ASP B 136 18.66 11.99 1.18
C ASP B 136 17.79 12.12 2.42
N LEU B 137 17.74 11.05 3.21
CA LEU B 137 16.86 11.00 4.37
C LEU B 137 17.52 10.95 5.72
N ASN B 138 16.83 11.52 6.72
CA ASN B 138 17.30 11.45 8.09
C ASN B 138 16.73 10.16 8.66
N MET B 139 17.26 9.70 9.78
CA MET B 139 16.80 8.48 10.36
C MET B 139 15.31 8.53 10.69
N ASP B 140 14.82 9.68 11.16
CA ASP B 140 13.41 9.71 11.51
C ASP B 140 12.49 9.58 10.27
N ASP B 141 12.95 10.04 9.11
CA ASP B 141 12.20 9.92 7.85
C ASP B 141 12.16 8.42 7.49
N ILE B 142 13.29 7.75 7.63
CA ILE B 142 13.31 6.32 7.30
C ILE B 142 12.35 5.52 8.17
N VAL B 143 12.40 5.78 9.47
CA VAL B 143 11.55 5.10 10.42
C VAL B 143 10.09 5.39 10.08
N ALA B 144 9.79 6.62 9.59
CA ALA B 144 8.39 6.93 9.25
C ALA B 144 7.96 6.15 8.03
N TYR B 145 8.88 5.92 7.10
CA TYR B 145 8.47 5.14 5.94
C TYR B 145 8.22 3.71 6.35
N ALA B 146 9.03 3.19 7.28
CA ALA B 146 8.83 1.84 7.75
C ALA B 146 7.48 1.76 8.42
N ARG B 147 7.08 2.81 9.19
CA ARG B 147 5.78 2.77 9.85
C ARG B 147 4.64 2.72 8.80
N VAL B 148 4.81 3.41 7.68
CA VAL B 148 3.83 3.47 6.57
C VAL B 148 3.74 2.04 6.05
N SER B 149 4.89 1.43 5.80
CA SER B 149 4.85 0.04 5.31
C SER B 149 4.15 -0.94 6.32
N GLU B 150 4.40 -0.77 7.62
CA GLU B 150 3.83 -1.63 8.69
C GLU B 150 2.33 -1.39 8.77
N LEU B 151 1.89 -0.16 8.48
CA LEU B 151 0.48 0.19 8.46
C LEU B 151 -0.19 -0.50 7.29
N LEU B 152 0.42 -0.45 6.10
CA LEU B 152 -0.17 -1.06 4.92
C LEU B 152 0.01 -2.56 4.98
N GLN B 153 0.72 -3.02 5.99
CA GLN B 153 0.96 -4.44 6.14
C GLN B 153 1.65 -5.02 4.91
N LEU B 154 2.45 -4.22 4.20
CA LEU B 154 3.21 -4.84 3.09
C LEU B 154 4.06 -5.91 3.80
N PRO B 155 4.23 -7.10 3.20
CA PRO B 155 4.98 -8.16 3.88
C PRO B 155 6.46 -7.92 4.07
N ILE B 156 7.00 -7.13 3.16
CA ILE B 156 8.40 -6.82 3.20
C ILE B 156 8.65 -5.32 3.21
N PHE B 157 9.58 -4.88 4.06
CA PHE B 157 10.03 -3.49 3.99
C PHE B 157 11.53 -3.62 3.61
N TYR B 158 11.91 -2.97 2.51
CA TYR B 158 13.24 -3.12 1.97
C TYR B 158 13.96 -1.80 2.07
N LEU B 159 14.97 -1.79 2.94
CA LEU B 159 15.79 -0.58 3.13
C LEU B 159 16.94 -0.75 2.17
N GLU B 160 17.01 0.14 1.18
CA GLU B 160 17.93 0.03 0.08
C GLU B 160 19.00 1.09 0.02
N TYR B 161 20.26 0.68 0.21
CA TYR B 161 21.37 1.61 0.10
C TYR B 161 22.26 1.26 -1.09
N SER B 162 21.85 0.26 -1.87
CA SER B 162 22.58 -0.13 -3.07
C SER B 162 24.04 -0.49 -2.84
N GLY B 163 24.94 0.35 -3.32
CA GLY B 163 26.35 0.09 -3.19
C GLY B 163 27.01 0.57 -1.92
N VAL B 164 26.32 1.31 -1.08
CA VAL B 164 26.93 1.79 0.14
C VAL B 164 26.43 1.13 1.42
N LEU B 165 27.22 1.20 2.49
CA LEU B 165 26.83 0.64 3.76
C LEU B 165 25.94 1.71 4.37
N GLY B 166 24.73 1.31 4.76
CA GLY B 166 23.82 2.27 5.36
C GLY B 166 24.11 2.42 6.84
N ASP B 167 23.60 3.49 7.45
CA ASP B 167 23.82 3.71 8.88
C ASP B 167 23.18 2.53 9.67
N ILE B 168 23.99 1.78 10.42
CA ILE B 168 23.48 0.61 11.16
C ILE B 168 22.38 1.02 12.16
N GLU B 169 22.48 2.26 12.65
CA GLU B 169 21.51 2.78 13.62
C GLU B 169 20.15 2.86 12.94
N ALA B 170 20.13 3.25 11.66
CA ALA B 170 18.88 3.33 10.92
C ALA B 170 18.27 1.93 10.78
N VAL B 171 19.10 0.91 10.58
CA VAL B 171 18.57 -0.46 10.45
C VAL B 171 18.00 -0.87 11.78
N LYS B 172 18.74 -0.58 12.86
CA LYS B 172 18.23 -0.97 14.16
C LYS B 172 16.90 -0.30 14.49
N LYS B 173 16.81 1.00 14.28
CA LYS B 173 15.57 1.72 14.60
C LYS B 173 14.40 1.32 13.68
N THR B 174 14.71 0.99 12.42
CA THR B 174 13.63 0.54 11.52
C THR B 174 13.11 -0.80 12.01
N LYS B 175 14.02 -1.70 12.38
CA LYS B 175 13.58 -2.99 12.85
C LYS B 175 12.69 -2.86 14.11
N ALA B 176 13.04 -1.89 14.95
CA ALA B 176 12.32 -1.58 16.19
C ALA B 176 10.85 -1.27 15.95
N VAL B 177 10.54 -0.58 14.84
CA VAL B 177 9.15 -0.27 14.55
C VAL B 177 8.40 -1.33 13.76
N LEU B 178 9.10 -2.27 13.15
CA LEU B 178 8.40 -3.27 12.36
C LEU B 178 7.95 -4.44 13.25
N GLU B 179 6.66 -4.72 13.23
CA GLU B 179 6.11 -5.83 14.01
C GLU B 179 5.71 -7.00 13.08
N THR B 180 4.94 -6.68 12.06
CA THR B 180 4.45 -7.66 11.11
C THR B 180 5.30 -7.81 9.85
N SER B 181 6.01 -6.77 9.44
CA SER B 181 6.80 -6.81 8.22
C SER B 181 8.18 -7.45 8.42
N THR B 182 8.73 -8.04 7.35
CA THR B 182 10.06 -8.63 7.38
C THR B 182 11.01 -7.55 6.81
N LEU B 183 12.06 -7.20 7.55
CA LEU B 183 12.96 -6.14 7.10
C LEU B 183 14.08 -6.72 6.26
N PHE B 184 14.12 -6.34 5.00
CA PHE B 184 15.19 -6.72 4.10
C PHE B 184 16.15 -5.53 4.04
N TYR B 185 17.46 -5.81 4.19
CA TYR B 185 18.42 -4.73 4.07
C TYR B 185 19.41 -5.03 2.94
N GLY B 186 19.66 -4.03 2.07
CA GLY B 186 20.67 -4.21 1.05
C GLY B 186 21.55 -2.97 1.05
N GLY B 187 22.86 -3.15 0.88
CA GLY B 187 23.71 -1.97 0.84
C GLY B 187 25.12 -2.28 1.31
N GLY B 188 26.00 -2.46 0.34
CA GLY B 188 27.41 -2.66 0.67
C GLY B 188 27.86 -3.91 1.37
N ILE B 189 27.02 -4.93 1.46
CA ILE B 189 27.47 -6.18 2.09
C ILE B 189 28.32 -6.96 1.07
N LYS B 190 29.62 -7.10 1.39
CA LYS B 190 30.56 -7.71 0.46
C LYS B 190 31.36 -8.85 1.08
N ASP B 191 31.16 -9.06 2.36
CA ASP B 191 31.92 -10.10 3.03
C ASP B 191 31.27 -10.56 4.32
N ALA B 192 31.88 -11.56 4.95
CA ALA B 192 31.31 -12.09 6.18
C ALA B 192 31.14 -11.08 7.31
N GLU B 193 32.13 -10.21 7.50
CA GLU B 193 32.04 -9.25 8.57
C GLU B 193 30.87 -8.31 8.43
N THR B 194 30.73 -7.70 7.26
CA THR B 194 29.60 -6.78 7.07
C THR B 194 28.29 -7.57 7.11
N ALA B 195 28.25 -8.76 6.54
CA ALA B 195 26.99 -9.54 6.59
C ALA B 195 26.55 -9.77 8.01
N LYS B 196 27.49 -10.17 8.89
CA LYS B 196 27.10 -10.41 10.28
C LYS B 196 26.61 -9.20 10.97
N GLN B 197 27.31 -8.11 10.73
CA GLN B 197 26.99 -6.82 11.33
C GLN B 197 25.54 -6.43 11.05
N TYR B 198 25.20 -6.42 9.78
CA TYR B 198 23.83 -6.06 9.44
C TYR B 198 22.80 -7.12 9.78
N ALA B 199 23.16 -8.40 9.79
CA ALA B 199 22.19 -9.43 10.11
C ALA B 199 21.78 -9.37 11.57
N GLU B 200 22.44 -8.52 12.36
CA GLU B 200 22.07 -8.36 13.76
C GLU B 200 20.78 -7.57 13.89
N HIS B 201 20.51 -6.73 12.89
CA HIS B 201 19.30 -5.92 12.90
C HIS B 201 18.31 -6.30 11.81
N ALA B 202 18.75 -6.43 10.57
CA ALA B 202 17.84 -6.82 9.49
C ALA B 202 17.33 -8.24 9.64
N ASP B 203 16.12 -8.53 9.17
CA ASP B 203 15.64 -9.90 9.22
C ASP B 203 16.34 -10.69 8.10
N VAL B 204 16.43 -10.05 6.92
CA VAL B 204 17.09 -10.68 5.77
C VAL B 204 18.13 -9.73 5.22
N ILE B 205 19.36 -10.21 4.97
CA ILE B 205 20.34 -9.41 4.31
C ILE B 205 20.38 -9.78 2.82
N VAL B 206 20.58 -8.77 1.98
CA VAL B 206 20.64 -8.96 0.54
C VAL B 206 22.02 -8.73 0.05
N VAL B 207 22.61 -9.69 -0.67
CA VAL B 207 23.97 -9.55 -1.19
C VAL B 207 23.81 -9.60 -2.70
N GLY B 208 24.33 -8.60 -3.39
CA GLY B 208 24.12 -8.50 -4.83
C GLY B 208 25.39 -8.05 -5.57
N ASN B 209 25.67 -6.75 -5.56
CA ASN B 209 26.83 -6.23 -6.29
C ASN B 209 28.12 -7.03 -6.02
N ALA B 210 28.28 -7.41 -4.77
CA ALA B 210 29.47 -8.13 -4.35
C ALA B 210 29.77 -9.38 -5.14
N VAL B 211 28.73 -10.10 -5.56
CA VAL B 211 28.86 -11.32 -6.32
C VAL B 211 29.67 -11.14 -7.60
N TYR B 212 29.55 -9.96 -8.19
CA TYR B 212 30.25 -9.65 -9.44
C TYR B 212 31.63 -9.05 -9.17
N GLU B 213 31.84 -8.53 -7.97
CA GLU B 213 33.12 -7.84 -7.61
C GLU B 213 34.15 -8.86 -7.05
N ASP B 214 33.77 -9.63 -6.05
CA ASP B 214 34.68 -10.63 -5.45
C ASP B 214 33.78 -11.79 -5.02
N PHE B 215 33.63 -12.74 -5.94
CA PHE B 215 32.73 -13.86 -5.75
C PHE B 215 32.98 -14.71 -4.55
N ASP B 216 34.24 -15.08 -4.29
CA ASP B 216 34.49 -15.95 -3.10
C ASP B 216 34.14 -15.29 -1.80
N ARG B 217 34.43 -14.01 -1.71
CA ARG B 217 34.17 -13.24 -0.51
C ARG B 217 32.68 -13.10 -0.34
N ALA B 218 31.99 -12.85 -1.45
CA ALA B 218 30.53 -12.67 -1.36
C ALA B 218 29.88 -13.98 -0.97
N LEU B 219 30.45 -15.07 -1.42
CA LEU B 219 29.86 -16.36 -1.10
C LEU B 219 29.82 -16.64 0.41
N LYS B 220 30.86 -16.18 1.11
CA LYS B 220 30.97 -16.38 2.55
C LYS B 220 29.90 -15.66 3.35
N THR B 221 29.12 -14.76 2.72
CA THR B 221 28.11 -14.04 3.45
C THR B 221 26.99 -15.02 3.89
N VAL B 222 26.82 -16.15 3.21
CA VAL B 222 25.78 -17.10 3.63
C VAL B 222 26.16 -17.78 4.98
N ALA B 223 27.33 -18.41 4.99
CA ALA B 223 27.80 -19.10 6.19
C ALA B 223 27.88 -18.06 7.33
N ALA B 224 28.22 -16.82 7.01
CA ALA B 224 28.34 -15.81 8.01
C ALA B 224 27.08 -15.62 8.80
N VAL B 225 25.91 -15.75 8.17
CA VAL B 225 24.70 -15.57 8.92
C VAL B 225 23.86 -16.84 9.19
N LYS B 226 24.12 -17.93 8.45
CA LYS B 226 23.36 -19.19 8.63
C LYS B 226 24.15 -20.37 9.22
N GLY B 227 25.47 -20.21 9.33
CA GLY B 227 26.35 -21.28 9.78
C GLY B 227 26.49 -21.42 11.28
N GLU B 228 27.27 -22.40 11.68
CA GLU B 228 27.52 -22.68 13.10
C GLU B 228 28.09 -21.51 13.87
MG MG C . -19.06 6.08 20.81
MG MG D . -20.17 -7.89 1.64
MG MG E . -7.76 24.49 17.56
MG MG F . -19.90 -8.66 4.81
MG MG G . -13.99 7.73 23.09
MG MG H . -17.61 3.67 22.09
CL CL I . -26.29 4.99 21.30
CL CL J . -17.25 -5.00 15.23
CL CL K . -24.08 13.30 -2.78
CL CL L . -23.91 17.97 12.64
MG MG M . 13.37 -24.58 -8.33
MG MG N . 12.26 -15.11 11.19
MG MG O . 13.89 -12.00 11.91
MG MG P . 11.88 -12.51 -26.21
CL CL Q . 12.29 -6.73 -23.24
#